data_6FC4
#
_entry.id   6FC4
#
_cell.length_a   163.488
_cell.length_b   163.488
_cell.length_c   56.035
_cell.angle_alpha   90.00
_cell.angle_beta   90.00
_cell.angle_gamma   120.00
#
_symmetry.space_group_name_H-M   'P 63'
#
loop_
_entity.id
_entity.type
_entity.pdbx_description
1 polymer 'Soluble lytic murein transglycosylase'
2 non-polymer GLYCEROL
3 water water
#
_entity_poly.entity_id   1
_entity_poly.type   'polypeptide(L)'
_entity_poly.pdbx_seq_one_letter_code
;EQRRLYDQAKAALAKGNSAPYMASRSALRDYPLEPYLAYDELTHRLKSASNEEVERFLTEHGDLPQIGWLKLRWLRLLAD
RGDWKTFVNYYDPKLNFTELDCLYGQYQLGHGQKAEGYATSERLWLVGKSQPAACDTLFGLWQGEGQLTEEKVWKRLKLA
AEARNYSLASHLAQRLPTLGNQGALMVSVAQNPAQLSQTGRFSQRDHATADVVGLGLRRLARQDPEKALSLLDYYSSALP
FSSDEKVAIAREIGLSLAKRFDPRALPLMTQYDPGLRDNTVTEWRTRLLLRLGRWDEAYALTRKLPQDLAATSRWRYWQA
RSLQLAQPNSKEPIALYQKLAGERDFYGFLAADRLSVPYKLGNRPAHIDPRVLQRVRNAASTRRAMEFFNRGEVINARRE
WYHAARLFDRDELIAQARLAYDMQWYFPAIRSISQAQYWDDLDIRFPMAHRATLVREAKNRGLHSSWIFAITRQQSAFMS
DARSGVGATGLMQLMPGTAKETSRKFGIPLASTQQLIVPDVNIRLGAAYLSQVHSQFNGNRVLASAAYNAGPGRVRQWLK
DTRHLAFDVWIETIPFDETRQYVQNVLSYAVIYGQKLNAPQPIVDWHERYFDDF
;
_entity_poly.pdbx_strand_id   A
#
loop_
_chem_comp.id
_chem_comp.type
_chem_comp.name
_chem_comp.formula
GOL non-polymer GLYCEROL 'C3 H8 O3'
#
# COMPACT_ATOMS: atom_id res chain seq x y z
N GLU A 1 20.10 -14.48 37.50
CA GLU A 1 21.41 -14.09 36.87
C GLU A 1 21.25 -13.00 35.80
N GLN A 2 22.38 -12.42 35.39
CA GLN A 2 22.44 -11.32 34.41
C GLN A 2 23.71 -11.54 33.57
N ARG A 3 23.58 -11.45 32.24
CA ARG A 3 24.71 -11.81 31.36
C ARG A 3 24.78 -11.18 29.95
N ARG A 4 26.01 -10.78 29.59
CA ARG A 4 26.39 -10.38 28.23
C ARG A 4 26.85 -11.61 27.43
N LEU A 5 26.90 -12.78 28.07
CA LEU A 5 27.15 -14.06 27.39
C LEU A 5 26.46 -14.18 26.02
N TYR A 6 25.32 -13.51 25.85
CA TYR A 6 24.73 -13.27 24.53
C TYR A 6 25.63 -12.44 23.60
N ASP A 7 25.96 -11.21 24.02
CA ASP A 7 26.78 -10.28 23.20
C ASP A 7 28.07 -10.90 22.67
N GLN A 8 28.83 -11.51 23.57
CA GLN A 8 30.14 -12.08 23.25
C GLN A 8 30.05 -13.38 22.46
N ALA A 9 28.96 -14.11 22.62
CA ALA A 9 28.63 -15.22 21.71
C ALA A 9 28.30 -14.68 20.31
N LYS A 10 27.44 -13.66 20.26
CA LYS A 10 27.05 -12.98 19.01
C LYS A 10 28.24 -12.29 18.30
N ALA A 11 29.26 -11.89 19.07
CA ALA A 11 30.51 -11.38 18.49
C ALA A 11 31.28 -12.49 17.78
N ALA A 12 31.57 -13.57 18.50
CA ALA A 12 32.27 -14.73 17.96
C ALA A 12 31.52 -15.36 16.79
N LEU A 13 30.20 -15.50 16.94
CA LEU A 13 29.35 -16.03 15.86
C LEU A 13 29.30 -15.11 14.63
N ALA A 14 29.21 -13.80 14.85
CA ALA A 14 29.24 -12.82 13.76
C ALA A 14 30.63 -12.83 13.11
N LYS A 15 30.72 -13.45 11.94
CA LYS A 15 31.98 -13.65 11.22
C LYS A 15 33.02 -14.41 12.06
N GLY A 16 32.76 -15.68 12.33
CA GLY A 16 33.71 -16.50 13.07
C GLY A 16 33.24 -17.85 13.58
N ASN A 17 33.36 -18.04 14.89
CA ASN A 17 33.31 -19.35 15.53
C ASN A 17 32.26 -19.44 16.63
N SER A 18 31.94 -20.67 17.03
CA SER A 18 30.87 -20.96 17.97
C SER A 18 31.31 -21.23 19.43
N ALA A 19 32.61 -21.14 19.71
CA ALA A 19 33.17 -21.55 21.02
C ALA A 19 32.51 -20.91 22.25
N PRO A 20 32.29 -19.58 22.25
CA PRO A 20 31.63 -18.99 23.42
C PRO A 20 30.17 -19.44 23.56
N TYR A 21 29.44 -19.46 22.43
CA TYR A 21 28.06 -19.95 22.42
C TYR A 21 27.98 -21.38 22.96
N MET A 22 28.81 -22.28 22.43
CA MET A 22 28.79 -23.70 22.80
C MET A 22 28.94 -23.94 24.31
N ALA A 23 29.89 -23.23 24.92
CA ALA A 23 30.14 -23.31 26.36
C ALA A 23 29.02 -22.65 27.17
N SER A 24 28.73 -21.39 26.81
CA SER A 24 27.70 -20.59 27.47
C SER A 24 26.27 -21.09 27.25
N ARG A 25 26.03 -21.84 26.16
CA ARG A 25 24.70 -22.37 25.80
C ARG A 25 24.00 -23.05 26.97
N SER A 26 24.74 -23.89 27.67
CA SER A 26 24.25 -24.55 28.88
C SER A 26 23.74 -23.52 29.89
N ALA A 27 24.54 -22.46 30.13
CA ALA A 27 24.17 -21.37 31.03
C ALA A 27 23.04 -20.43 30.52
N LEU A 28 22.84 -20.39 29.20
CA LEU A 28 21.84 -19.49 28.56
C LEU A 28 20.48 -20.16 28.20
N ARG A 29 20.12 -21.25 28.88
CA ARG A 29 18.88 -22.00 28.56
C ARG A 29 17.62 -21.15 28.73
N ASP A 30 17.49 -20.53 29.89
CA ASP A 30 16.33 -19.67 30.21
C ASP A 30 16.28 -18.37 29.39
N TYR A 31 17.44 -17.89 28.96
CA TYR A 31 17.54 -16.60 28.25
C TYR A 31 16.71 -16.58 26.96
N PRO A 32 15.83 -15.56 26.78
CA PRO A 32 14.89 -15.63 25.64
C PRO A 32 15.47 -15.41 24.23
N LEU A 33 16.58 -14.66 24.10
CA LEU A 33 17.23 -14.45 22.78
C LEU A 33 18.21 -15.54 22.33
N GLU A 34 18.44 -16.55 23.18
CA GLU A 34 19.36 -17.67 22.84
C GLU A 34 19.08 -18.34 21.49
N PRO A 35 17.79 -18.54 21.11
CA PRO A 35 17.48 -19.16 19.81
C PRO A 35 18.03 -18.42 18.58
N TYR A 36 18.28 -17.11 18.68
CA TYR A 36 18.95 -16.35 17.62
C TYR A 36 20.40 -16.80 17.40
N LEU A 37 21.05 -17.25 18.48
CA LEU A 37 22.44 -17.76 18.39
C LEU A 37 22.45 -19.15 17.76
N ALA A 38 21.58 -20.02 18.28
CA ALA A 38 21.36 -21.37 17.73
C ALA A 38 21.11 -21.32 16.23
N TYR A 39 20.25 -20.39 15.81
CA TYR A 39 19.97 -20.13 14.39
C TYR A 39 21.25 -19.93 13.60
N ASP A 40 22.07 -18.98 14.04
CA ASP A 40 23.30 -18.63 13.33
C ASP A 40 24.36 -19.73 13.42
N GLU A 41 24.44 -20.40 14.57
CA GLU A 41 25.31 -21.56 14.74
C GLU A 41 25.00 -22.60 13.66
N LEU A 42 23.72 -22.96 13.56
CA LEU A 42 23.23 -23.92 12.57
C LEU A 42 23.28 -23.41 11.12
N THR A 43 23.00 -22.12 10.91
CA THR A 43 22.96 -21.54 9.56
C THR A 43 24.33 -21.56 8.89
N HIS A 44 25.37 -21.22 9.66
CA HIS A 44 26.78 -21.35 9.24
C HIS A 44 27.06 -22.71 8.59
N ARG A 45 26.69 -23.79 9.30
CA ARG A 45 27.09 -25.15 8.96
C ARG A 45 25.94 -26.00 8.38
N LEU A 46 25.03 -25.32 7.69
CA LEU A 46 23.74 -25.92 7.31
C LEU A 46 23.88 -27.00 6.26
N LYS A 47 24.89 -26.87 5.40
CA LYS A 47 25.15 -27.86 4.35
C LYS A 47 25.57 -29.22 4.91
N SER A 48 26.30 -29.19 6.03
CA SER A 48 26.74 -30.40 6.75
C SER A 48 25.65 -30.97 7.68
N ALA A 49 24.75 -30.11 8.14
CA ALA A 49 23.71 -30.49 9.12
C ALA A 49 22.77 -31.58 8.62
N SER A 50 22.33 -32.44 9.54
CA SER A 50 21.46 -33.56 9.22
C SER A 50 20.01 -33.11 9.17
N ASN A 51 19.19 -33.86 8.43
CA ASN A 51 17.73 -33.63 8.40
C ASN A 51 17.14 -33.60 9.80
N GLU A 52 17.55 -34.56 10.62
CA GLU A 52 17.04 -34.74 11.97
C GLU A 52 17.24 -33.49 12.84
N GLU A 53 18.37 -32.80 12.64
CA GLU A 53 18.69 -31.60 13.40
C GLU A 53 17.91 -30.38 12.92
N VAL A 54 17.88 -30.19 11.60
CA VAL A 54 17.15 -29.08 11.01
C VAL A 54 15.68 -29.25 11.34
N GLU A 55 15.13 -30.44 11.04
CA GLU A 55 13.73 -30.76 11.34
C GLU A 55 13.37 -30.45 12.80
N ARG A 56 14.21 -30.91 13.71
CA ARG A 56 14.06 -30.63 15.15
C ARG A 56 14.07 -29.14 15.46
N PHE A 57 14.98 -28.41 14.81
CA PHE A 57 15.08 -26.96 15.00
C PHE A 57 13.81 -26.24 14.56
N LEU A 58 13.33 -26.56 13.36
CA LEU A 58 12.12 -25.95 12.80
C LEU A 58 10.89 -26.21 13.68
N THR A 59 10.89 -27.33 14.40
CA THR A 59 9.87 -27.61 15.40
C THR A 59 10.03 -26.72 16.61
N GLU A 60 11.19 -26.78 17.24
CA GLU A 60 11.39 -26.16 18.55
C GLU A 60 11.64 -24.65 18.50
N HIS A 61 11.88 -24.08 17.32
CA HIS A 61 11.99 -22.63 17.13
C HIS A 61 11.29 -22.16 15.85
N GLY A 62 10.16 -22.77 15.52
CA GLY A 62 9.37 -22.38 14.33
C GLY A 62 8.78 -20.98 14.38
N ASP A 63 8.61 -20.44 15.59
CA ASP A 63 8.06 -19.10 15.81
C ASP A 63 8.98 -17.91 15.46
N LEU A 64 10.28 -18.15 15.25
CA LEU A 64 11.22 -17.06 14.92
C LEU A 64 10.84 -16.35 13.61
N PRO A 65 11.12 -15.04 13.51
CA PRO A 65 10.81 -14.29 12.29
C PRO A 65 11.67 -14.70 11.10
N GLN A 66 12.94 -14.96 11.37
CA GLN A 66 13.89 -15.36 10.34
C GLN A 66 13.88 -16.87 9.99
N ILE A 67 12.86 -17.61 10.44
CA ILE A 67 12.78 -19.05 10.17
C ILE A 67 12.59 -19.37 8.69
N GLY A 68 11.89 -18.50 7.97
CA GLY A 68 11.64 -18.69 6.54
C GLY A 68 12.91 -18.72 5.69
N TRP A 69 13.91 -17.94 6.09
CA TRP A 69 15.14 -17.83 5.32
C TRP A 69 15.97 -19.10 5.49
N LEU A 70 15.87 -19.71 6.66
CA LEU A 70 16.43 -21.05 6.90
C LEU A 70 15.71 -22.09 6.06
N LYS A 71 14.37 -22.04 6.05
CA LYS A 71 13.58 -22.95 5.22
C LYS A 71 13.94 -22.82 3.76
N LEU A 72 14.17 -21.58 3.31
CA LEU A 72 14.55 -21.33 1.92
C LEU A 72 15.93 -21.93 1.64
N ARG A 73 16.91 -21.55 2.46
CA ARG A 73 18.28 -22.07 2.33
C ARG A 73 18.32 -23.61 2.39
N TRP A 74 17.50 -24.20 3.25
CA TRP A 74 17.49 -25.65 3.48
C TRP A 74 16.78 -26.43 2.37
N LEU A 75 15.61 -25.95 1.95
CA LEU A 75 14.83 -26.64 0.90
C LEU A 75 15.53 -26.58 -0.45
N ARG A 76 16.30 -25.53 -0.65
CA ARG A 76 17.18 -25.38 -1.80
C ARG A 76 18.19 -26.55 -1.83
N LEU A 77 18.77 -26.86 -0.68
CA LEU A 77 19.69 -28.00 -0.53
C LEU A 77 19.02 -29.36 -0.75
N LEU A 78 17.86 -29.56 -0.13
CA LEU A 78 17.12 -30.84 -0.25
C LEU A 78 16.77 -31.15 -1.70
N ALA A 79 16.38 -30.12 -2.45
CA ALA A 79 16.00 -30.25 -3.84
C ALA A 79 17.20 -30.56 -4.72
N ASP A 80 18.33 -29.95 -4.38
CA ASP A 80 19.59 -30.19 -5.10
C ASP A 80 20.14 -31.61 -4.87
N ARG A 81 19.99 -32.11 -3.65
CA ARG A 81 20.33 -33.50 -3.31
C ARG A 81 19.38 -34.52 -3.90
N GLY A 82 18.14 -34.11 -4.17
CA GLY A 82 17.08 -35.04 -4.57
C GLY A 82 16.32 -35.64 -3.39
N ASP A 83 16.48 -35.05 -2.20
CA ASP A 83 15.67 -35.42 -1.03
C ASP A 83 14.29 -34.75 -1.12
N TRP A 84 13.48 -35.25 -2.06
CA TRP A 84 12.16 -34.66 -2.36
C TRP A 84 11.13 -35.06 -1.32
N LYS A 85 11.24 -36.29 -0.84
CA LYS A 85 10.42 -36.74 0.29
C LYS A 85 10.45 -35.74 1.45
N THR A 86 11.62 -35.20 1.75
CA THR A 86 11.76 -34.22 2.82
C THR A 86 11.35 -32.82 2.37
N PHE A 87 11.74 -32.43 1.15
CA PHE A 87 11.35 -31.14 0.57
C PHE A 87 9.84 -30.88 0.71
N VAL A 88 9.03 -31.83 0.25
CA VAL A 88 7.57 -31.66 0.26
C VAL A 88 6.98 -31.59 1.66
N ASN A 89 7.63 -32.23 2.64
CA ASN A 89 7.15 -32.17 4.00
C ASN A 89 7.18 -30.75 4.54
N TYR A 90 8.10 -29.95 4.01
CA TYR A 90 8.32 -28.58 4.47
C TYR A 90 7.98 -27.46 3.50
N TYR A 91 7.79 -27.78 2.21
CA TYR A 91 7.42 -26.76 1.22
C TYR A 91 6.09 -26.09 1.57
N ASP A 92 6.17 -24.77 1.77
CA ASP A 92 5.05 -23.96 2.19
C ASP A 92 4.89 -22.83 1.16
N PRO A 93 3.83 -22.90 0.29
CA PRO A 93 3.67 -21.85 -0.74
C PRO A 93 3.45 -20.45 -0.16
N LYS A 94 2.97 -20.39 1.08
CA LYS A 94 2.75 -19.14 1.82
C LYS A 94 3.98 -18.31 2.13
N LEU A 95 5.15 -18.95 2.17
CA LEU A 95 6.39 -18.20 2.38
C LEU A 95 6.61 -17.22 1.23
N ASN A 96 6.02 -17.53 0.07
CA ASN A 96 6.02 -16.66 -1.10
C ASN A 96 7.43 -16.45 -1.67
N PHE A 97 8.29 -17.46 -1.51
CA PHE A 97 9.53 -17.54 -2.25
C PHE A 97 9.21 -18.28 -3.54
N THR A 98 9.38 -17.58 -4.65
CA THR A 98 9.14 -18.14 -5.98
C THR A 98 10.19 -19.20 -6.33
N GLU A 99 11.37 -19.13 -5.71
CA GLU A 99 12.37 -20.17 -5.90
C GLU A 99 11.87 -21.54 -5.42
N LEU A 100 11.20 -21.57 -4.28
CA LEU A 100 10.58 -22.79 -3.79
C LEU A 100 9.40 -23.20 -4.65
N ASP A 101 8.55 -22.25 -5.02
CA ASP A 101 7.37 -22.55 -5.83
C ASP A 101 7.76 -23.21 -7.15
N CYS A 102 8.88 -22.80 -7.73
CA CYS A 102 9.40 -23.39 -8.97
C CYS A 102 10.01 -24.77 -8.75
N LEU A 103 10.76 -24.90 -7.66
CA LEU A 103 11.26 -26.22 -7.21
C LEU A 103 10.13 -27.19 -6.93
N TYR A 104 9.05 -26.71 -6.32
CA TYR A 104 7.89 -27.56 -6.07
C TYR A 104 7.28 -28.03 -7.39
N GLY A 105 7.25 -27.15 -8.37
CA GLY A 105 6.79 -27.50 -9.71
C GLY A 105 7.63 -28.60 -10.34
N GLN A 106 8.95 -28.50 -10.19
CA GLN A 106 9.87 -29.54 -10.69
C GLN A 106 9.53 -30.90 -10.09
N TYR A 107 9.33 -30.92 -8.77
CA TYR A 107 8.92 -32.11 -8.05
C TYR A 107 7.68 -32.72 -8.68
N GLN A 108 6.62 -31.92 -8.79
CA GLN A 108 5.35 -32.36 -9.36
C GLN A 108 5.51 -33.02 -10.72
N LEU A 109 6.29 -32.40 -11.61
CA LEU A 109 6.57 -33.00 -12.93
C LEU A 109 7.32 -34.33 -12.83
N GLY A 110 8.28 -34.39 -11.93
CA GLY A 110 9.03 -35.63 -11.67
C GLY A 110 8.28 -36.75 -10.97
N HIS A 111 7.15 -36.47 -10.35
CA HIS A 111 6.48 -37.42 -9.46
C HIS A 111 5.02 -37.70 -9.84
N GLY A 112 4.78 -37.84 -11.15
CA GLY A 112 3.46 -38.22 -11.67
C GLY A 112 2.30 -37.25 -11.46
N GLN A 113 2.59 -36.01 -11.06
CA GLN A 113 1.60 -34.96 -10.86
C GLN A 113 1.72 -33.96 -12.01
N LYS A 114 1.38 -34.38 -13.22
CA LYS A 114 1.63 -33.56 -14.40
C LYS A 114 0.61 -32.43 -14.59
N ALA A 115 -0.67 -32.74 -14.41
CA ALA A 115 -1.72 -31.71 -14.41
C ALA A 115 -1.42 -30.62 -13.38
N GLU A 116 -1.01 -31.04 -12.19
CA GLU A 116 -0.76 -30.14 -11.08
C GLU A 116 0.52 -29.31 -11.31
N GLY A 117 1.53 -29.93 -11.92
CA GLY A 117 2.79 -29.27 -12.27
C GLY A 117 2.74 -28.37 -13.48
N TYR A 118 1.89 -28.71 -14.46
CA TYR A 118 1.59 -27.82 -15.59
C TYR A 118 0.96 -26.53 -15.12
N ALA A 119 -0.04 -26.68 -14.25
CA ALA A 119 -0.70 -25.54 -13.62
C ALA A 119 0.29 -24.66 -12.86
N THR A 120 1.17 -25.29 -12.07
CA THR A 120 2.22 -24.60 -11.33
C THR A 120 3.11 -23.84 -12.30
N SER A 121 3.59 -24.55 -13.31
CA SER A 121 4.48 -23.97 -14.32
C SER A 121 3.82 -22.77 -15.00
N GLU A 122 2.60 -22.94 -15.51
CA GLU A 122 1.91 -21.87 -16.22
C GLU A 122 1.66 -20.66 -15.33
N ARG A 123 1.23 -20.90 -14.09
CA ARG A 123 0.96 -19.84 -13.11
C ARG A 123 2.18 -18.94 -12.90
N LEU A 124 3.33 -19.58 -12.74
CA LEU A 124 4.62 -18.90 -12.56
C LEU A 124 5.14 -18.28 -13.86
N TRP A 125 4.78 -18.89 -14.99
CA TRP A 125 5.17 -18.38 -16.31
C TRP A 125 4.44 -17.08 -16.68
N LEU A 126 3.11 -17.09 -16.59
CA LEU A 126 2.29 -15.92 -16.94
C LEU A 126 2.46 -14.80 -15.90
N VAL A 127 3.61 -14.14 -16.02
CA VAL A 127 4.13 -13.21 -15.04
C VAL A 127 5.05 -12.26 -15.82
N GLY A 128 4.82 -10.96 -15.70
CA GLY A 128 5.52 -9.96 -16.52
C GLY A 128 6.89 -9.51 -16.03
N LYS A 129 7.42 -10.17 -15.01
CA LYS A 129 8.78 -9.92 -14.53
C LYS A 129 9.61 -11.18 -14.73
N SER A 130 10.90 -11.04 -14.48
CA SER A 130 11.84 -12.14 -14.62
C SER A 130 11.81 -12.97 -13.34
N GLN A 131 11.73 -14.29 -13.51
CA GLN A 131 11.66 -15.22 -12.40
C GLN A 131 13.05 -15.74 -12.06
N PRO A 132 13.24 -16.33 -10.86
CA PRO A 132 14.56 -16.86 -10.48
C PRO A 132 15.09 -17.97 -11.40
N ALA A 133 16.39 -18.21 -11.31
CA ALA A 133 17.08 -19.27 -12.06
C ALA A 133 16.41 -20.64 -11.93
N ALA A 134 15.87 -20.94 -10.76
CA ALA A 134 15.13 -22.19 -10.51
C ALA A 134 13.91 -22.40 -11.42
N CYS A 135 13.31 -21.31 -11.90
CA CYS A 135 12.14 -21.39 -12.77
C CYS A 135 12.53 -21.66 -14.22
N ASP A 136 13.69 -21.17 -14.63
CA ASP A 136 14.25 -21.53 -15.93
C ASP A 136 14.30 -23.05 -16.10
N THR A 137 14.69 -23.75 -15.04
CA THR A 137 14.66 -25.22 -15.01
C THR A 137 13.23 -25.75 -15.19
N LEU A 138 12.30 -25.31 -14.33
CA LEU A 138 10.89 -25.72 -14.42
C LEU A 138 10.33 -25.47 -15.81
N PHE A 139 10.50 -24.25 -16.32
CA PHE A 139 10.02 -23.88 -17.65
C PHE A 139 10.69 -24.72 -18.74
N GLY A 140 11.96 -25.07 -18.52
CA GLY A 140 12.66 -26.06 -19.35
C GLY A 140 11.93 -27.39 -19.42
N LEU A 141 11.63 -27.97 -18.26
CA LEU A 141 10.89 -29.24 -18.18
C LEU A 141 9.51 -29.07 -18.82
N TRP A 142 8.85 -27.99 -18.45
CA TRP A 142 7.52 -27.63 -18.98
C TRP A 142 7.51 -27.58 -20.50
N GLN A 143 8.52 -26.92 -21.05
CA GLN A 143 8.73 -26.81 -22.51
C GLN A 143 8.92 -28.18 -23.14
N GLY A 144 9.82 -28.98 -22.53
CA GLY A 144 10.07 -30.38 -22.93
C GLY A 144 8.84 -31.26 -23.14
N GLU A 145 7.77 -31.02 -22.38
CA GLU A 145 6.49 -31.72 -22.57
C GLU A 145 5.52 -30.99 -23.51
N GLY A 146 6.05 -30.10 -24.36
CA GLY A 146 5.26 -29.35 -25.34
C GLY A 146 4.12 -28.55 -24.75
N GLN A 147 4.36 -27.90 -23.61
CA GLN A 147 3.36 -27.06 -22.97
C GLN A 147 3.58 -25.58 -23.21
N LEU A 148 4.78 -25.19 -23.66
CA LEU A 148 5.08 -23.80 -23.97
C LEU A 148 4.73 -23.50 -25.43
N THR A 149 3.43 -23.40 -25.69
CA THR A 149 2.92 -23.01 -27.01
C THR A 149 3.35 -21.57 -27.30
N GLU A 150 3.35 -21.21 -28.58
CA GLU A 150 3.63 -19.82 -29.00
C GLU A 150 2.66 -18.84 -28.34
N GLU A 151 1.40 -19.24 -28.21
CA GLU A 151 0.38 -18.49 -27.48
C GLU A 151 0.81 -18.11 -26.06
N LYS A 152 1.34 -19.07 -25.31
CA LYS A 152 1.78 -18.82 -23.93
C LYS A 152 3.06 -17.99 -23.83
N VAL A 153 3.90 -18.04 -24.87
CA VAL A 153 5.02 -17.11 -25.01
C VAL A 153 4.47 -15.70 -25.28
N TRP A 154 3.55 -15.63 -26.24
CA TRP A 154 2.87 -14.39 -26.59
C TRP A 154 2.15 -13.75 -25.40
N LYS A 155 1.44 -14.55 -24.63
CA LYS A 155 0.70 -14.06 -23.46
C LYS A 155 1.62 -13.47 -22.39
N ARG A 156 2.78 -14.07 -22.15
CA ARG A 156 3.77 -13.50 -21.22
C ARG A 156 4.43 -12.26 -21.80
N LEU A 157 4.65 -12.28 -23.11
CA LEU A 157 5.18 -11.12 -23.82
C LEU A 157 4.29 -9.90 -23.57
N LYS A 158 2.98 -10.12 -23.72
CA LYS A 158 1.94 -9.15 -23.38
C LYS A 158 2.14 -8.57 -21.97
N LEU A 159 2.36 -9.44 -20.99
CA LEU A 159 2.54 -9.04 -19.58
C LEU A 159 3.87 -8.33 -19.32
N ALA A 160 4.93 -8.78 -19.98
CA ALA A 160 6.25 -8.14 -19.89
C ALA A 160 6.25 -6.71 -20.43
N ALA A 161 5.53 -6.49 -21.52
CA ALA A 161 5.39 -5.17 -22.13
C ALA A 161 4.51 -4.26 -21.28
N GLU A 162 3.40 -4.80 -20.76
CA GLU A 162 2.59 -4.10 -19.76
C GLU A 162 3.41 -3.63 -18.56
N ALA A 163 4.31 -4.47 -18.07
CA ALA A 163 5.11 -4.17 -16.89
C ALA A 163 6.35 -3.34 -17.18
N ARG A 164 6.52 -2.90 -18.43
CA ARG A 164 7.69 -2.12 -18.86
C ARG A 164 9.05 -2.83 -18.69
N ASN A 165 9.05 -4.16 -18.59
CA ASN A 165 10.26 -4.97 -18.57
CA ASN A 165 10.27 -4.97 -18.57
C ASN A 165 10.55 -5.39 -20.01
N TYR A 166 11.16 -4.48 -20.76
CA TYR A 166 11.33 -4.61 -22.22
C TYR A 166 12.45 -5.54 -22.65
N SER A 167 13.48 -5.70 -21.80
CA SER A 167 14.54 -6.68 -22.04
C SER A 167 13.95 -8.10 -22.04
N LEU A 168 13.07 -8.38 -21.08
CA LEU A 168 12.32 -9.64 -21.05
C LEU A 168 11.43 -9.77 -22.28
N ALA A 169 10.62 -8.75 -22.54
CA ALA A 169 9.72 -8.71 -23.71
C ALA A 169 10.45 -8.92 -25.04
N SER A 170 11.65 -8.38 -25.16
CA SER A 170 12.48 -8.61 -26.34
C SER A 170 12.91 -10.06 -26.43
N HIS A 171 13.46 -10.59 -25.31
CA HIS A 171 13.85 -12.00 -25.21
C HIS A 171 12.70 -12.96 -25.60
N LEU A 172 11.47 -12.64 -25.17
CA LEU A 172 10.29 -13.43 -25.51
C LEU A 172 9.87 -13.28 -26.97
N ALA A 173 9.96 -12.07 -27.52
CA ALA A 173 9.60 -11.80 -28.91
C ALA A 173 10.61 -12.39 -29.91
N GLN A 174 11.85 -12.57 -29.47
CA GLN A 174 12.85 -13.35 -30.21
C GLN A 174 12.77 -14.86 -29.90
N ARG A 175 11.60 -15.33 -29.46
CA ARG A 175 11.29 -16.74 -29.30
C ARG A 175 9.89 -17.04 -29.81
N LEU A 176 9.45 -16.30 -30.84
CA LEU A 176 8.15 -16.52 -31.46
C LEU A 176 8.37 -17.12 -32.84
N PRO A 177 8.22 -18.47 -32.98
CA PRO A 177 8.27 -19.18 -34.26
C PRO A 177 7.65 -18.47 -35.47
N THR A 178 6.43 -17.94 -35.32
CA THR A 178 5.71 -17.29 -36.41
C THR A 178 5.39 -15.79 -36.19
N LEU A 179 5.28 -15.36 -34.93
CA LEU A 179 4.81 -14.02 -34.57
C LEU A 179 5.93 -13.02 -34.24
N GLY A 180 7.18 -13.34 -34.59
CA GLY A 180 8.33 -12.45 -34.31
C GLY A 180 8.15 -10.97 -34.64
N ASN A 181 7.39 -10.70 -35.71
CA ASN A 181 7.10 -9.33 -36.16
C ASN A 181 6.18 -8.57 -35.22
N GLN A 182 5.00 -9.12 -34.97
CA GLN A 182 4.03 -8.48 -34.06
C GLN A 182 4.59 -8.36 -32.64
N GLY A 183 5.50 -9.27 -32.28
CA GLY A 183 6.22 -9.21 -31.00
C GLY A 183 7.13 -8.01 -30.88
N ALA A 184 7.94 -7.76 -31.91
CA ALA A 184 8.77 -6.54 -31.97
C ALA A 184 7.91 -5.28 -31.93
N LEU A 185 6.79 -5.34 -32.64
CA LEU A 185 5.81 -4.27 -32.72
C LEU A 185 5.12 -4.02 -31.38
N MET A 186 4.85 -5.10 -30.63
CA MET A 186 4.29 -4.98 -29.28
CA MET A 186 4.30 -5.00 -29.27
C MET A 186 5.24 -4.19 -28.39
N VAL A 187 6.53 -4.49 -28.48
CA VAL A 187 7.54 -3.80 -27.66
C VAL A 187 7.71 -2.34 -28.13
N SER A 188 7.63 -2.11 -29.44
CA SER A 188 7.73 -0.75 -30.00
C SER A 188 6.58 0.13 -29.54
N VAL A 189 5.37 -0.41 -29.64
CA VAL A 189 4.16 0.29 -29.21
C VAL A 189 4.09 0.47 -27.70
N ALA A 190 4.51 -0.53 -26.94
CA ALA A 190 4.60 -0.39 -25.47
C ALA A 190 5.52 0.76 -25.06
N GLN A 191 6.62 0.94 -25.78
CA GLN A 191 7.58 2.00 -25.50
C GLN A 191 7.08 3.39 -25.89
N ASN A 192 6.56 3.52 -27.11
CA ASN A 192 5.90 4.75 -27.57
C ASN A 192 4.60 4.41 -28.28
N PRO A 193 3.47 4.48 -27.56
CA PRO A 193 2.18 4.08 -28.12
C PRO A 193 1.51 5.14 -28.97
N ALA A 194 2.06 6.35 -29.01
CA ALA A 194 1.59 7.38 -29.96
C ALA A 194 1.74 6.96 -31.42
N GLN A 195 2.58 5.96 -31.67
CA GLN A 195 2.72 5.36 -33.00
C GLN A 195 1.40 4.87 -33.60
N LEU A 196 0.43 4.54 -32.74
CA LEU A 196 -0.89 4.11 -33.20
C LEU A 196 -1.66 5.18 -33.98
N SER A 197 -1.22 6.44 -33.91
CA SER A 197 -1.63 7.48 -34.85
C SER A 197 -1.54 7.04 -36.31
N GLN A 198 -0.48 6.31 -36.65
CA GLN A 198 -0.30 5.75 -37.98
C GLN A 198 -1.19 4.53 -38.15
N THR A 199 -2.48 4.79 -38.38
CA THR A 199 -3.49 3.75 -38.52
C THR A 199 -3.22 2.79 -39.68
N GLY A 200 -2.51 3.28 -40.71
CA GLY A 200 -2.06 2.44 -41.81
C GLY A 200 -1.16 1.29 -41.41
N ARG A 201 -0.15 1.57 -40.61
CA ARG A 201 0.80 0.56 -40.13
C ARG A 201 0.15 -0.53 -39.23
N PHE A 202 -0.98 -0.20 -38.60
CA PHE A 202 -1.68 -1.12 -37.70
C PHE A 202 -3.07 -1.54 -38.21
N SER A 203 -3.14 -1.87 -39.50
CA SER A 203 -4.39 -2.24 -40.17
C SER A 203 -4.66 -3.76 -40.28
N GLN A 204 -3.62 -4.58 -40.11
CA GLN A 204 -3.71 -6.04 -40.36
C GLN A 204 -4.71 -6.72 -39.42
N ARG A 205 -5.75 -7.34 -40.00
CA ARG A 205 -6.88 -7.89 -39.23
C ARG A 205 -6.58 -9.30 -38.71
N ASP A 206 -5.78 -9.38 -37.64
CA ASP A 206 -5.59 -10.65 -36.93
C ASP A 206 -5.55 -10.40 -35.43
N HIS A 207 -5.71 -11.49 -34.68
CA HIS A 207 -5.88 -11.42 -33.22
C HIS A 207 -4.60 -10.94 -32.53
N ALA A 208 -3.45 -11.12 -33.18
CA ALA A 208 -2.17 -10.58 -32.70
C ALA A 208 -2.06 -9.05 -32.78
N THR A 209 -2.34 -8.50 -33.95
CA THR A 209 -2.32 -7.03 -34.18
C THR A 209 -3.34 -6.30 -33.30
N ALA A 210 -4.49 -6.93 -33.08
CA ALA A 210 -5.46 -6.47 -32.09
C ALA A 210 -4.84 -6.39 -30.69
N ASP A 211 -4.11 -7.42 -30.28
CA ASP A 211 -3.41 -7.42 -28.97
C ASP A 211 -2.39 -6.26 -28.84
N VAL A 212 -1.66 -5.98 -29.92
CA VAL A 212 -0.67 -4.90 -29.97
C VAL A 212 -1.36 -3.55 -29.76
N VAL A 213 -2.39 -3.31 -30.56
CA VAL A 213 -3.12 -2.04 -30.53
C VAL A 213 -3.79 -1.84 -29.16
N GLY A 214 -4.44 -2.88 -28.66
CA GLY A 214 -5.11 -2.83 -27.36
C GLY A 214 -4.21 -2.53 -26.17
N LEU A 215 -3.00 -3.08 -26.21
CA LEU A 215 -1.97 -2.73 -25.21
C LEU A 215 -1.60 -1.26 -25.36
N GLY A 216 -1.29 -0.86 -26.60
CA GLY A 216 -0.95 0.51 -26.93
C GLY A 216 -2.00 1.52 -26.48
N LEU A 217 -3.26 1.23 -26.77
CA LEU A 217 -4.36 2.13 -26.35
C LEU A 217 -4.47 2.26 -24.83
N ARG A 218 -4.23 1.17 -24.12
CA ARG A 218 -4.21 1.19 -22.65
C ARG A 218 -3.01 1.93 -22.07
N ARG A 219 -1.86 1.72 -22.71
CA ARG A 219 -0.64 2.46 -22.36
C ARG A 219 -0.81 3.95 -22.69
N LEU A 220 -1.31 4.24 -23.89
CA LEU A 220 -1.55 5.62 -24.34
C LEU A 220 -2.60 6.37 -23.52
N ALA A 221 -3.56 5.63 -22.96
CA ALA A 221 -4.61 6.21 -22.13
C ALA A 221 -4.08 7.00 -20.93
N ARG A 222 -2.96 6.56 -20.35
CA ARG A 222 -2.36 7.25 -19.21
C ARG A 222 -2.08 8.70 -19.58
N GLN A 223 -1.23 8.90 -20.59
CA GLN A 223 -0.67 10.23 -20.85
C GLN A 223 -1.31 11.02 -22.00
N ASP A 224 -1.98 10.35 -22.93
CA ASP A 224 -2.83 11.06 -23.90
C ASP A 224 -4.20 10.38 -24.06
N PRO A 225 -5.04 10.48 -23.02
CA PRO A 225 -6.36 9.84 -23.04
C PRO A 225 -7.28 10.32 -24.16
N GLU A 226 -7.11 11.58 -24.56
CA GLU A 226 -7.93 12.17 -25.61
C GLU A 226 -7.59 11.56 -26.96
N LYS A 227 -6.29 11.37 -27.24
CA LYS A 227 -5.86 10.71 -28.48
C LYS A 227 -6.30 9.25 -28.53
N ALA A 228 -6.13 8.55 -27.40
CA ALA A 228 -6.55 7.16 -27.25
C ALA A 228 -8.04 6.95 -27.55
N LEU A 229 -8.87 7.90 -27.13
CA LEU A 229 -10.32 7.83 -27.35
C LEU A 229 -10.68 7.89 -28.83
N SER A 230 -10.08 8.86 -29.53
CA SER A 230 -10.24 9.01 -30.99
C SER A 230 -9.78 7.76 -31.73
N LEU A 231 -8.66 7.20 -31.27
CA LEU A 231 -8.08 6.03 -31.91
C LEU A 231 -8.90 4.76 -31.65
N LEU A 232 -9.55 4.68 -30.49
CA LEU A 232 -10.45 3.57 -30.22
C LEU A 232 -11.57 3.51 -31.26
N ASP A 233 -12.12 4.68 -31.58
CA ASP A 233 -13.21 4.81 -32.57
C ASP A 233 -12.79 4.28 -33.94
N TYR A 234 -11.57 4.62 -34.37
CA TYR A 234 -11.02 4.08 -35.61
C TYR A 234 -10.85 2.58 -35.51
N TYR A 235 -10.08 2.15 -34.52
CA TYR A 235 -9.59 0.77 -34.46
C TYR A 235 -10.67 -0.30 -34.21
N SER A 236 -11.80 0.06 -33.60
CA SER A 236 -12.82 -0.93 -33.21
C SER A 236 -13.40 -1.70 -34.39
N SER A 237 -13.85 -0.97 -35.41
CA SER A 237 -14.34 -1.59 -36.64
C SER A 237 -13.20 -2.27 -37.41
N ALA A 238 -12.05 -1.60 -37.44
CA ALA A 238 -10.88 -2.06 -38.20
C ALA A 238 -10.26 -3.41 -37.77
N LEU A 239 -10.38 -3.77 -36.49
CA LEU A 239 -9.62 -4.89 -35.92
C LEU A 239 -10.48 -5.89 -35.14
N PRO A 240 -10.01 -7.15 -35.04
CA PRO A 240 -10.76 -8.20 -34.38
C PRO A 240 -10.52 -8.24 -32.86
N PHE A 241 -10.90 -7.16 -32.16
CA PHE A 241 -10.81 -7.13 -30.70
C PHE A 241 -11.82 -8.11 -30.14
N SER A 242 -11.39 -8.88 -29.14
CA SER A 242 -12.33 -9.66 -28.32
C SER A 242 -13.15 -8.68 -27.49
N SER A 243 -14.28 -9.18 -26.98
CA SER A 243 -15.18 -8.36 -26.17
C SER A 243 -14.56 -7.88 -24.86
N ASP A 244 -13.78 -8.75 -24.22
CA ASP A 244 -13.20 -8.46 -22.91
C ASP A 244 -12.00 -7.53 -22.98
N GLU A 245 -11.28 -7.56 -24.10
CA GLU A 245 -10.23 -6.60 -24.40
C GLU A 245 -10.82 -5.19 -24.53
N LYS A 246 -11.84 -5.07 -25.38
CA LYS A 246 -12.60 -3.81 -25.54
C LYS A 246 -12.97 -3.18 -24.22
N VAL A 247 -13.42 -3.99 -23.27
CA VAL A 247 -13.75 -3.53 -21.93
C VAL A 247 -12.53 -2.95 -21.22
N ALA A 248 -11.43 -3.70 -21.20
CA ALA A 248 -10.19 -3.27 -20.52
C ALA A 248 -9.53 -2.01 -21.13
N ILE A 249 -9.72 -1.81 -22.44
CA ILE A 249 -9.31 -0.59 -23.13
C ILE A 249 -10.19 0.58 -22.68
N ALA A 250 -11.51 0.37 -22.78
CA ALA A 250 -12.48 1.38 -22.37
C ALA A 250 -12.35 1.77 -20.90
N ARG A 251 -12.03 0.78 -20.06
CA ARG A 251 -11.76 1.02 -18.64
C ARG A 251 -10.64 2.02 -18.44
N GLU A 252 -9.55 1.81 -19.17
CA GLU A 252 -8.34 2.59 -18.99
C GLU A 252 -8.53 4.01 -19.52
N ILE A 253 -9.12 4.13 -20.72
CA ILE A 253 -9.44 5.44 -21.30
C ILE A 253 -10.47 6.16 -20.44
N GLY A 254 -11.55 5.46 -20.13
CA GLY A 254 -12.61 5.96 -19.24
C GLY A 254 -12.12 6.54 -17.93
N LEU A 255 -11.27 5.81 -17.22
CA LEU A 255 -10.71 6.28 -15.94
C LEU A 255 -9.76 7.45 -16.11
N SER A 256 -8.97 7.45 -17.17
CA SER A 256 -8.02 8.52 -17.42
C SER A 256 -8.68 9.83 -17.86
N LEU A 257 -9.76 9.74 -18.65
CA LEU A 257 -10.59 10.91 -18.96
C LEU A 257 -11.38 11.38 -17.73
N ALA A 258 -11.86 10.43 -16.93
CA ALA A 258 -12.59 10.76 -15.71
C ALA A 258 -11.73 11.59 -14.74
N LYS A 259 -10.46 11.20 -14.60
CA LYS A 259 -9.53 11.91 -13.72
C LYS A 259 -9.12 13.30 -14.23
N ARG A 260 -9.25 13.52 -15.54
CA ARG A 260 -9.16 14.86 -16.16
C ARG A 260 -10.49 15.65 -16.17
N PHE A 261 -11.57 15.04 -15.71
CA PHE A 261 -12.89 15.67 -15.58
C PHE A 261 -13.54 16.01 -16.92
N ASP A 262 -13.42 15.05 -17.83
CA ASP A 262 -13.93 15.15 -19.19
C ASP A 262 -15.24 14.38 -19.21
N PRO A 263 -16.37 15.03 -19.60
CA PRO A 263 -17.63 14.30 -19.66
C PRO A 263 -17.69 13.15 -20.67
N ARG A 264 -16.82 13.17 -21.67
CA ARG A 264 -16.73 12.09 -22.66
C ARG A 264 -16.47 10.68 -22.09
N ALA A 265 -16.00 10.63 -20.84
CA ALA A 265 -15.85 9.41 -20.10
C ALA A 265 -17.18 8.72 -19.81
N LEU A 266 -18.21 9.50 -19.47
CA LEU A 266 -19.49 8.96 -19.01
C LEU A 266 -20.16 7.99 -20.00
N PRO A 267 -20.33 8.39 -21.28
CA PRO A 267 -20.86 7.47 -22.31
C PRO A 267 -20.05 6.18 -22.50
N LEU A 268 -18.73 6.28 -22.39
CA LEU A 268 -17.84 5.13 -22.58
C LEU A 268 -17.96 4.18 -21.40
N MET A 269 -17.75 4.72 -20.19
CA MET A 269 -17.87 3.96 -18.95
C MET A 269 -19.25 3.33 -18.81
N THR A 270 -20.29 3.99 -19.33
CA THR A 270 -21.67 3.45 -19.34
C THR A 270 -21.86 2.28 -20.32
N GLN A 271 -21.30 2.40 -21.52
CA GLN A 271 -21.40 1.35 -22.54
C GLN A 271 -20.75 0.05 -22.10
N TYR A 272 -19.55 0.15 -21.51
CA TYR A 272 -18.66 -1.01 -21.33
C TYR A 272 -18.67 -1.63 -19.92
N ASP A 273 -19.21 -0.91 -18.94
CA ASP A 273 -19.54 -1.49 -17.65
C ASP A 273 -20.93 -1.01 -17.23
N PRO A 274 -21.97 -1.46 -17.96
CA PRO A 274 -23.34 -1.04 -17.65
C PRO A 274 -23.88 -1.68 -16.36
N GLY A 275 -23.44 -2.90 -16.07
CA GLY A 275 -23.85 -3.60 -14.86
C GLY A 275 -23.10 -3.25 -13.59
N LEU A 276 -22.17 -2.28 -13.65
CA LEU A 276 -21.36 -1.85 -12.49
C LEU A 276 -20.52 -2.97 -11.85
N ARG A 277 -19.89 -3.78 -12.70
CA ARG A 277 -19.06 -4.91 -12.26
C ARG A 277 -17.67 -4.50 -11.78
N ASP A 278 -17.15 -3.39 -12.30
CA ASP A 278 -15.83 -2.87 -11.97
C ASP A 278 -15.97 -1.75 -10.94
N ASN A 279 -15.47 -2.01 -9.72
CA ASN A 279 -15.60 -1.05 -8.61
C ASN A 279 -14.88 0.30 -8.83
N THR A 280 -13.74 0.29 -9.52
CA THR A 280 -13.01 1.54 -9.81
C THR A 280 -13.74 2.40 -10.86
N VAL A 281 -14.28 1.76 -11.89
CA VAL A 281 -15.05 2.46 -12.93
C VAL A 281 -16.31 3.07 -12.32
N THR A 282 -16.96 2.32 -11.43
CA THR A 282 -18.20 2.76 -10.81
C THR A 282 -17.95 3.96 -9.90
N GLU A 283 -16.93 3.87 -9.06
CA GLU A 283 -16.54 4.99 -8.18
C GLU A 283 -16.22 6.26 -8.97
N TRP A 284 -15.47 6.12 -10.07
CA TRP A 284 -15.09 7.28 -10.89
C TRP A 284 -16.17 7.81 -11.83
N ARG A 285 -17.13 6.98 -12.21
CA ARG A 285 -18.33 7.47 -12.86
C ARG A 285 -19.09 8.40 -11.90
N THR A 286 -19.21 7.99 -10.65
CA THR A 286 -19.90 8.79 -9.65
C THR A 286 -19.12 10.06 -9.31
N ARG A 287 -17.80 9.95 -9.21
CA ARG A 287 -16.96 11.12 -8.94
C ARG A 287 -17.02 12.15 -10.03
N LEU A 288 -16.99 11.69 -11.27
CA LEU A 288 -17.11 12.57 -12.42
C LEU A 288 -18.42 13.34 -12.44
N LEU A 289 -19.52 12.68 -12.07
CA LEU A 289 -20.81 13.34 -11.99
C LEU A 289 -20.84 14.41 -10.89
N LEU A 290 -20.27 14.09 -9.73
CA LEU A 290 -20.12 15.06 -8.64
C LEU A 290 -19.28 16.27 -9.03
N ARG A 291 -18.19 16.04 -9.77
CA ARG A 291 -17.34 17.13 -10.28
C ARG A 291 -18.09 18.04 -11.24
N LEU A 292 -18.86 17.43 -12.14
CA LEU A 292 -19.62 18.18 -13.14
C LEU A 292 -20.91 18.82 -12.61
N GLY A 293 -21.22 18.65 -11.33
CA GLY A 293 -22.42 19.22 -10.72
C GLY A 293 -23.71 18.56 -11.15
N ARG A 294 -23.61 17.28 -11.53
CA ARG A 294 -24.74 16.52 -12.05
C ARG A 294 -25.24 15.61 -10.94
N TRP A 295 -25.97 16.25 -10.03
CA TRP A 295 -26.31 15.68 -8.73
C TRP A 295 -27.37 14.59 -8.83
N ASP A 296 -28.32 14.80 -9.73
CA ASP A 296 -29.42 13.84 -9.93
C ASP A 296 -28.88 12.48 -10.36
N GLU A 297 -27.94 12.52 -11.29
CA GLU A 297 -27.41 11.32 -11.93
C GLU A 297 -26.49 10.59 -10.98
N ALA A 298 -25.72 11.37 -10.22
CA ALA A 298 -24.86 10.83 -9.18
C ALA A 298 -25.69 10.09 -8.14
N TYR A 299 -26.77 10.72 -7.71
CA TYR A 299 -27.70 10.12 -6.75
C TYR A 299 -28.31 8.81 -7.27
N ALA A 300 -28.80 8.83 -8.50
CA ALA A 300 -29.31 7.62 -9.17
C ALA A 300 -28.27 6.52 -9.13
N LEU A 301 -27.05 6.86 -9.53
CA LEU A 301 -25.96 5.93 -9.55
C LEU A 301 -25.62 5.36 -8.15
N THR A 302 -25.70 6.18 -7.10
CA THR A 302 -25.46 5.69 -5.72
C THR A 302 -26.51 4.69 -5.22
N ARG A 303 -27.71 4.73 -5.79
CA ARG A 303 -28.78 3.79 -5.42
C ARG A 303 -28.63 2.39 -6.04
N LYS A 304 -27.70 2.22 -6.97
CA LYS A 304 -27.52 0.94 -7.67
C LYS A 304 -26.15 0.30 -7.40
N LEU A 305 -25.43 0.78 -6.39
CA LEU A 305 -24.07 0.30 -6.14
C LEU A 305 -24.10 -1.15 -5.70
N PRO A 306 -23.08 -1.95 -6.08
CA PRO A 306 -22.96 -3.27 -5.46
C PRO A 306 -22.82 -3.19 -3.93
N GLN A 307 -23.30 -4.22 -3.24
CA GLN A 307 -23.25 -4.31 -1.78
C GLN A 307 -21.96 -3.74 -1.17
N ASP A 308 -20.80 -4.18 -1.67
CA ASP A 308 -19.50 -3.77 -1.10
C ASP A 308 -19.24 -2.25 -1.12
N LEU A 309 -19.65 -1.57 -2.20
CA LEU A 309 -19.51 -0.10 -2.31
C LEU A 309 -20.58 0.64 -1.50
N ALA A 310 -21.84 0.22 -1.63
CA ALA A 310 -22.96 0.83 -0.89
C ALA A 310 -22.75 0.80 0.63
N ALA A 311 -22.11 -0.26 1.11
CA ALA A 311 -21.81 -0.44 2.52
C ALA A 311 -20.79 0.53 3.11
N THR A 312 -19.92 1.10 2.27
CA THR A 312 -18.89 2.05 2.77
C THR A 312 -19.53 3.33 3.26
N SER A 313 -18.88 3.98 4.22
CA SER A 313 -19.29 5.30 4.69
C SER A 313 -19.25 6.36 3.59
N ARG A 314 -18.32 6.19 2.64
CA ARG A 314 -18.20 7.05 1.45
C ARG A 314 -19.51 7.20 0.68
N TRP A 315 -20.03 6.09 0.17
CA TRP A 315 -21.18 6.14 -0.72
C TRP A 315 -22.48 6.26 0.04
N ARG A 316 -22.45 5.89 1.31
CA ARG A 316 -23.51 6.28 2.22
C ARG A 316 -23.54 7.81 2.34
N TYR A 317 -22.37 8.44 2.51
CA TYR A 317 -22.32 9.91 2.51
C TYR A 317 -22.81 10.48 1.20
N TRP A 318 -22.18 10.07 0.10
CA TRP A 318 -22.46 10.67 -1.19
C TRP A 318 -23.87 10.45 -1.73
N GLN A 319 -24.55 9.40 -1.28
CA GLN A 319 -25.96 9.22 -1.61
C GLN A 319 -26.82 10.32 -0.95
N ALA A 320 -26.57 10.59 0.32
CA ALA A 320 -27.27 11.65 1.07
C ALA A 320 -26.98 13.01 0.49
N ARG A 321 -25.70 13.28 0.28
CA ARG A 321 -25.22 14.58 -0.18
C ARG A 321 -25.62 14.89 -1.62
N SER A 322 -25.52 13.92 -2.52
CA SER A 322 -25.97 14.11 -3.91
C SER A 322 -27.46 14.37 -3.96
N LEU A 323 -28.21 13.73 -3.07
CA LEU A 323 -29.65 13.97 -3.00
C LEU A 323 -29.92 15.40 -2.53
N GLN A 324 -29.19 15.82 -1.50
CA GLN A 324 -29.31 17.18 -0.96
C GLN A 324 -28.94 18.27 -1.96
N LEU A 325 -27.95 18.01 -2.82
CA LEU A 325 -27.58 18.97 -3.86
C LEU A 325 -28.61 18.96 -5.00
N ALA A 326 -29.19 17.80 -5.27
CA ALA A 326 -30.19 17.63 -6.32
C ALA A 326 -31.53 18.24 -5.93
N GLN A 327 -31.97 17.90 -4.71
CA GLN A 327 -33.24 18.37 -4.16
C GLN A 327 -32.95 19.01 -2.79
N PRO A 328 -32.56 20.30 -2.78
CA PRO A 328 -32.16 20.92 -1.51
C PRO A 328 -33.28 21.12 -0.49
N ASN A 329 -34.53 21.11 -0.96
CA ASN A 329 -35.68 21.24 -0.06
C ASN A 329 -36.22 19.90 0.47
N SER A 330 -35.75 18.79 -0.08
CA SER A 330 -36.05 17.46 0.45
C SER A 330 -35.52 17.31 1.87
N LYS A 331 -36.26 16.58 2.69
CA LYS A 331 -35.84 16.24 4.05
C LYS A 331 -35.26 14.82 4.13
N GLU A 332 -35.34 14.06 3.03
CA GLU A 332 -34.93 12.66 3.02
C GLU A 332 -33.44 12.43 3.35
N PRO A 333 -32.54 13.38 3.00
CA PRO A 333 -31.14 13.24 3.41
C PRO A 333 -30.90 13.23 4.92
N ILE A 334 -31.72 13.94 5.70
CA ILE A 334 -31.53 14.01 7.17
C ILE A 334 -31.47 12.61 7.77
N ALA A 335 -32.45 11.78 7.42
CA ALA A 335 -32.47 10.36 7.79
C ALA A 335 -31.18 9.67 7.39
N LEU A 336 -30.83 9.79 6.10
CA LEU A 336 -29.61 9.17 5.54
C LEU A 336 -28.34 9.63 6.27
N TYR A 337 -28.25 10.92 6.57
CA TYR A 337 -27.13 11.45 7.35
C TYR A 337 -27.10 10.90 8.77
N GLN A 338 -28.25 10.67 9.38
CA GLN A 338 -28.31 10.19 10.79
C GLN A 338 -27.76 8.76 10.95
N LYS A 339 -28.08 7.89 10.00
CA LYS A 339 -27.48 6.55 9.93
C LYS A 339 -25.93 6.60 9.95
N LEU A 340 -25.40 7.60 9.27
CA LEU A 340 -23.98 7.72 8.98
C LEU A 340 -23.23 8.60 9.98
N ALA A 341 -23.81 9.76 10.30
CA ALA A 341 -23.26 10.65 11.33
C ALA A 341 -23.10 9.87 12.62
N GLY A 342 -22.09 10.20 13.39
CA GLY A 342 -21.73 9.38 14.53
C GLY A 342 -21.05 8.05 14.19
N GLU A 343 -20.48 7.95 12.99
CA GLU A 343 -19.40 7.00 12.72
C GLU A 343 -18.13 7.79 12.93
N ARG A 344 -17.05 7.10 13.28
CA ARG A 344 -15.81 7.74 13.70
C ARG A 344 -14.83 8.00 12.53
N ASP A 345 -15.25 7.79 11.28
CA ASP A 345 -14.39 8.13 10.12
C ASP A 345 -14.71 9.50 9.49
N PHE A 346 -13.96 9.85 8.44
CA PHE A 346 -14.10 11.10 7.69
C PHE A 346 -15.52 11.39 7.21
N TYR A 347 -16.13 10.42 6.55
CA TYR A 347 -17.46 10.63 5.98
C TYR A 347 -18.55 10.72 7.07
N GLY A 348 -18.28 10.13 8.24
CA GLY A 348 -19.14 10.30 9.41
C GLY A 348 -19.08 11.72 9.95
N PHE A 349 -17.87 12.26 10.05
CA PHE A 349 -17.68 13.67 10.41
C PHE A 349 -18.31 14.61 9.40
N LEU A 350 -18.27 14.25 8.12
CA LEU A 350 -18.97 15.04 7.10
C LEU A 350 -20.46 15.03 7.35
N ALA A 351 -21.01 13.84 7.52
CA ALA A 351 -22.45 13.67 7.77
C ALA A 351 -22.89 14.37 9.07
N ALA A 352 -22.02 14.36 10.08
CA ALA A 352 -22.28 15.06 11.34
C ALA A 352 -22.26 16.56 11.13
N ASP A 353 -21.22 17.03 10.47
CA ASP A 353 -21.10 18.42 10.05
C ASP A 353 -22.30 18.90 9.20
N ARG A 354 -22.86 18.02 8.38
CA ARG A 354 -24.03 18.37 7.56
C ARG A 354 -25.32 18.50 8.34
N LEU A 355 -25.46 17.75 9.42
CA LEU A 355 -26.62 17.87 10.32
C LEU A 355 -26.47 18.99 11.36
N SER A 356 -25.27 19.59 11.43
CA SER A 356 -24.89 20.55 12.48
C SER A 356 -24.96 19.91 13.87
N VAL A 357 -24.52 18.67 13.96
CA VAL A 357 -24.47 17.94 15.24
C VAL A 357 -23.02 17.65 15.60
N PRO A 358 -22.74 17.45 16.91
CA PRO A 358 -21.37 17.12 17.31
C PRO A 358 -20.89 15.78 16.78
N TYR A 359 -19.58 15.66 16.58
CA TYR A 359 -18.96 14.43 16.08
C TYR A 359 -18.97 13.40 17.20
N LYS A 360 -19.22 12.13 16.85
CA LYS A 360 -19.07 11.04 17.81
C LYS A 360 -17.64 10.49 17.76
N LEU A 361 -16.82 10.94 18.71
CA LEU A 361 -15.44 10.48 18.87
C LEU A 361 -15.41 9.28 19.81
N GLY A 362 -15.89 8.13 19.31
CA GLY A 362 -16.13 6.94 20.14
C GLY A 362 -14.90 6.26 20.70
N ASN A 363 -14.48 6.71 21.90
CA ASN A 363 -13.33 6.13 22.61
C ASN A 363 -13.85 5.09 23.62
N ARG A 364 -13.54 3.83 23.36
CA ARG A 364 -14.04 2.70 24.15
C ARG A 364 -12.95 1.63 24.33
N PRO A 365 -11.85 1.93 25.06
CA PRO A 365 -10.82 0.89 25.28
C PRO A 365 -11.44 -0.47 25.65
N ALA A 366 -11.34 -1.45 24.75
CA ALA A 366 -12.01 -2.74 24.90
C ALA A 366 -11.55 -3.49 26.15
N HIS A 367 -12.45 -4.27 26.73
CA HIS A 367 -12.11 -5.04 27.92
C HIS A 367 -11.19 -6.19 27.49
N ILE A 368 -9.99 -6.19 28.06
CA ILE A 368 -8.99 -7.21 27.80
C ILE A 368 -9.15 -8.28 28.88
N ASP A 369 -9.41 -9.52 28.47
CA ASP A 369 -9.40 -10.68 29.36
C ASP A 369 -7.93 -10.96 29.76
N PRO A 370 -7.56 -10.79 31.06
CA PRO A 370 -6.12 -10.91 31.40
C PRO A 370 -5.47 -12.31 31.33
N ARG A 371 -6.26 -13.36 31.08
CA ARG A 371 -5.74 -14.65 30.63
C ARG A 371 -5.09 -14.49 29.24
N VAL A 372 -5.74 -13.72 28.37
CA VAL A 372 -5.21 -13.40 27.04
C VAL A 372 -4.01 -12.45 27.16
N LEU A 373 -4.15 -11.38 27.94
CA LEU A 373 -3.06 -10.39 28.13
C LEU A 373 -1.77 -11.04 28.62
N GLN A 374 -1.87 -11.98 29.55
CA GLN A 374 -0.70 -12.62 30.09
C GLN A 374 -0.18 -13.76 29.20
N ARG A 375 -1.08 -14.48 28.51
CA ARG A 375 -0.67 -15.44 27.47
C ARG A 375 0.19 -14.76 26.38
N VAL A 376 -0.21 -13.55 25.99
CA VAL A 376 0.53 -12.74 25.02
C VAL A 376 1.86 -12.22 25.60
N ARG A 377 1.86 -11.79 26.87
CA ARG A 377 3.11 -11.41 27.56
C ARG A 377 3.99 -12.62 27.89
N ASN A 378 3.36 -13.79 28.10
CA ASN A 378 4.06 -15.09 28.23
C ASN A 378 4.21 -15.82 26.89
N ALA A 379 4.26 -15.06 25.78
CA ALA A 379 4.66 -15.59 24.48
C ALA A 379 6.17 -15.51 24.41
N ALA A 380 6.77 -16.46 23.69
CA ALA A 380 8.21 -16.46 23.45
C ALA A 380 8.62 -15.23 22.61
N SER A 381 7.84 -14.94 21.56
CA SER A 381 8.09 -13.79 20.67
C SER A 381 7.99 -12.43 21.37
N THR A 382 7.11 -12.33 22.37
CA THR A 382 6.93 -11.10 23.16
C THR A 382 8.11 -10.84 24.08
N ARG A 383 8.50 -11.87 24.84
CA ARG A 383 9.68 -11.82 25.71
C ARG A 383 10.96 -11.54 24.94
N ARG A 384 11.06 -12.10 23.74
CA ARG A 384 12.16 -11.80 22.81
C ARG A 384 12.13 -10.33 22.34
N ALA A 385 10.94 -9.80 22.09
CA ALA A 385 10.78 -8.41 21.70
C ALA A 385 11.02 -7.44 22.86
N MET A 386 10.40 -7.73 24.01
CA MET A 386 10.65 -7.06 25.29
C MET A 386 12.15 -6.91 25.56
N GLU A 387 12.85 -8.04 25.48
CA GLU A 387 14.27 -8.11 25.78
C GLU A 387 15.15 -7.40 24.74
N PHE A 388 14.75 -7.46 23.46
CA PHE A 388 15.41 -6.66 22.41
C PHE A 388 15.29 -5.16 22.66
N PHE A 389 14.17 -4.74 23.25
CA PHE A 389 13.89 -3.32 23.51
C PHE A 389 14.85 -2.75 24.55
N ASN A 390 14.97 -3.41 25.70
CA ASN A 390 15.94 -3.05 26.76
C ASN A 390 17.32 -2.79 26.19
N ARG A 391 17.77 -3.74 25.39
CA ARG A 391 19.12 -3.75 24.83
C ARG A 391 19.41 -2.59 23.87
N GLY A 392 18.39 -2.13 23.15
CA GLY A 392 18.53 -1.05 22.17
C GLY A 392 18.55 -1.51 20.72
N GLU A 393 18.42 -2.82 20.47
CA GLU A 393 18.19 -3.34 19.12
C GLU A 393 16.73 -3.07 18.75
N VAL A 394 16.52 -2.00 17.98
CA VAL A 394 15.19 -1.45 17.73
C VAL A 394 14.49 -2.09 16.53
N ILE A 395 15.25 -2.40 15.48
CA ILE A 395 14.72 -3.11 14.30
C ILE A 395 14.29 -4.51 14.70
N ASN A 396 15.14 -5.17 15.50
CA ASN A 396 14.90 -6.54 15.98
C ASN A 396 13.59 -6.64 16.75
N ALA A 397 13.40 -5.75 17.73
CA ALA A 397 12.19 -5.70 18.55
C ALA A 397 10.92 -5.44 17.72
N ARG A 398 11.04 -4.57 16.72
CA ARG A 398 9.97 -4.35 15.72
C ARG A 398 9.66 -5.63 14.94
N ARG A 399 10.71 -6.22 14.38
CA ARG A 399 10.65 -7.45 13.58
C ARG A 399 9.85 -8.55 14.31
N GLU A 400 10.22 -8.80 15.56
CA GLU A 400 9.54 -9.76 16.44
C GLU A 400 8.07 -9.46 16.71
N TRP A 401 7.79 -8.17 16.92
CA TRP A 401 6.43 -7.69 17.21
C TRP A 401 5.48 -7.97 16.06
N TYR A 402 5.93 -7.61 14.85
CA TYR A 402 5.11 -7.67 13.64
C TYR A 402 4.93 -9.10 13.15
N HIS A 403 5.97 -9.92 13.31
CA HIS A 403 5.91 -11.34 12.94
C HIS A 403 4.94 -12.09 13.82
N ALA A 404 5.10 -11.93 15.14
CA ALA A 404 4.17 -12.49 16.12
C ALA A 404 2.70 -12.18 15.76
N ALA A 405 2.48 -10.96 15.30
CA ALA A 405 1.15 -10.43 15.03
C ALA A 405 0.41 -11.01 13.82
N ARG A 406 1.12 -11.66 12.89
CA ARG A 406 0.44 -12.31 11.75
C ARG A 406 -0.46 -13.50 12.16
N LEU A 407 -0.10 -14.20 13.23
CA LEU A 407 -0.89 -15.33 13.74
C LEU A 407 -1.90 -14.98 14.85
N PHE A 408 -1.74 -13.83 15.50
CA PHE A 408 -2.61 -13.45 16.61
C PHE A 408 -4.03 -13.08 16.13
N ASP A 409 -5.03 -13.65 16.80
CA ASP A 409 -6.45 -13.31 16.54
C ASP A 409 -6.81 -11.94 17.10
N ARG A 410 -8.04 -11.50 16.87
CA ARG A 410 -8.50 -10.15 17.28
C ARG A 410 -8.25 -9.82 18.75
N ASP A 411 -8.44 -10.80 19.65
CA ASP A 411 -8.17 -10.62 21.09
C ASP A 411 -6.69 -10.56 21.43
N GLU A 412 -5.92 -11.50 20.88
CA GLU A 412 -4.46 -11.54 21.07
C GLU A 412 -3.75 -10.27 20.61
N LEU A 413 -4.21 -9.70 19.48
CA LEU A 413 -3.61 -8.48 18.92
C LEU A 413 -3.83 -7.25 19.80
N ILE A 414 -5.05 -7.11 20.33
CA ILE A 414 -5.41 -5.99 21.20
C ILE A 414 -4.58 -5.99 22.49
N ALA A 415 -4.30 -7.18 23.03
CA ALA A 415 -3.43 -7.34 24.20
C ALA A 415 -2.03 -6.78 23.94
N GLN A 416 -1.49 -7.15 22.77
CA GLN A 416 -0.19 -6.67 22.29
C GLN A 416 -0.14 -5.15 22.13
N ALA A 417 -1.22 -4.58 21.59
CA ALA A 417 -1.35 -3.12 21.43
C ALA A 417 -1.24 -2.37 22.75
N ARG A 418 -1.92 -2.88 23.78
CA ARG A 418 -1.88 -2.26 25.11
C ARG A 418 -0.51 -2.36 25.77
N LEU A 419 0.20 -3.46 25.53
CA LEU A 419 1.56 -3.65 26.07
C LEU A 419 2.58 -2.67 25.49
N ALA A 420 2.51 -2.44 24.18
CA ALA A 420 3.40 -1.50 23.50
C ALA A 420 3.11 -0.05 23.86
N TYR A 421 1.82 0.29 24.00
CA TYR A 421 1.40 1.60 24.50
C TYR A 421 2.00 1.91 25.88
N ASP A 422 2.03 0.91 26.76
CA ASP A 422 2.58 1.07 28.12
C ASP A 422 4.09 1.33 28.18
N MET A 423 4.84 0.93 27.13
CA MET A 423 6.29 1.23 27.03
C MET A 423 6.61 2.55 26.29
N GLN A 424 5.61 3.44 26.15
CA GLN A 424 5.73 4.68 25.35
C GLN A 424 6.32 4.44 23.95
N TRP A 425 5.80 3.38 23.32
CA TRP A 425 6.22 2.91 22.02
C TRP A 425 4.96 2.98 21.15
N TYR A 426 4.72 4.18 20.59
CA TYR A 426 3.40 4.54 20.07
C TYR A 426 3.03 3.91 18.73
N PHE A 427 4.02 3.63 17.87
CA PHE A 427 3.76 3.09 16.52
C PHE A 427 3.40 1.58 16.51
N PRO A 428 4.22 0.70 17.15
CA PRO A 428 3.81 -0.71 17.29
C PRO A 428 2.45 -0.93 17.96
N ALA A 429 2.06 -0.02 18.87
CA ALA A 429 0.73 -0.01 19.44
C ALA A 429 -0.32 0.42 18.41
N ILE A 430 -0.01 1.48 17.66
CA ILE A 430 -0.84 1.95 16.52
C ILE A 430 -1.01 0.87 15.44
N ARG A 431 0.08 0.15 15.15
CA ARG A 431 0.10 -0.86 14.09
C ARG A 431 -0.58 -2.17 14.52
N SER A 432 -0.34 -2.58 15.77
CA SER A 432 -0.99 -3.77 16.34
C SER A 432 -2.51 -3.64 16.48
N ILE A 433 -2.98 -2.48 16.95
CA ILE A 433 -4.42 -2.20 17.12
C ILE A 433 -5.17 -2.06 15.78
N SER A 434 -4.50 -1.49 14.78
CA SER A 434 -5.06 -1.32 13.43
C SER A 434 -5.23 -2.66 12.68
N GLN A 435 -4.36 -3.63 12.96
CA GLN A 435 -4.50 -5.00 12.43
C GLN A 435 -5.68 -5.74 13.08
N ALA A 436 -5.80 -5.60 14.41
CA ALA A 436 -6.98 -6.07 15.17
C ALA A 436 -8.27 -5.40 14.72
N GLN A 437 -8.13 -4.15 14.26
CA GLN A 437 -9.25 -3.31 13.83
C GLN A 437 -10.18 -2.98 14.99
N TYR A 438 -9.62 -2.84 16.20
CA TYR A 438 -10.35 -2.17 17.26
C TYR A 438 -10.03 -0.68 17.13
N TRP A 439 -10.81 -0.04 16.27
CA TRP A 439 -10.64 1.37 15.94
C TRP A 439 -11.03 2.28 17.10
N ASP A 440 -11.94 1.81 17.96
CA ASP A 440 -12.49 2.61 19.05
C ASP A 440 -11.60 2.82 20.29
N ASP A 441 -10.27 2.62 20.20
CA ASP A 441 -9.34 3.08 21.24
C ASP A 441 -8.45 4.20 20.67
N LEU A 442 -8.77 5.45 21.04
CA LEU A 442 -8.12 6.64 20.51
C LEU A 442 -7.02 7.20 21.41
N ASP A 443 -6.80 6.57 22.56
CA ASP A 443 -5.60 6.84 23.36
C ASP A 443 -4.41 6.21 22.67
N ILE A 444 -4.58 4.95 22.26
CA ILE A 444 -3.57 4.19 21.55
C ILE A 444 -3.38 4.70 20.11
N ARG A 445 -4.48 4.82 19.36
CA ARG A 445 -4.41 5.19 17.94
C ARG A 445 -4.06 6.65 17.66
N PHE A 446 -4.35 7.55 18.61
CA PHE A 446 -4.07 8.98 18.47
C PHE A 446 -3.34 9.51 19.70
N PRO A 447 -2.04 9.15 19.83
CA PRO A 447 -1.27 9.46 21.02
C PRO A 447 -0.74 10.89 21.05
N MET A 448 -0.40 11.35 22.25
CA MET A 448 -0.01 12.74 22.51
C MET A 448 1.52 12.89 22.63
N ALA A 449 2.26 12.31 21.69
CA ALA A 449 3.72 12.29 21.74
C ALA A 449 4.34 13.60 21.26
N HIS A 450 5.42 14.02 21.91
CA HIS A 450 6.16 15.26 21.58
C HIS A 450 5.29 16.52 21.68
N ARG A 451 4.35 16.48 22.62
CA ARG A 451 3.26 17.47 22.75
C ARG A 451 3.74 18.90 22.99
N ALA A 452 4.75 19.07 23.83
CA ALA A 452 5.33 20.38 24.10
C ALA A 452 5.99 20.97 22.84
N THR A 453 6.58 20.11 22.01
CA THR A 453 7.29 20.52 20.79
C THR A 453 6.34 20.95 19.67
N LEU A 454 5.32 20.11 19.41
CA LEU A 454 4.34 20.37 18.36
C LEU A 454 3.51 21.62 18.66
N VAL A 455 3.01 21.75 19.89
CA VAL A 455 2.23 22.92 20.30
C VAL A 455 3.03 24.22 20.21
N ARG A 456 4.34 24.15 20.52
CA ARG A 456 5.20 25.34 20.45
C ARG A 456 5.33 25.83 19.02
N GLU A 457 5.75 24.92 18.14
CA GLU A 457 6.00 25.25 16.73
C GLU A 457 4.74 25.51 15.89
N ALA A 458 3.59 25.07 16.41
CA ALA A 458 2.30 25.43 15.82
C ALA A 458 1.92 26.88 16.15
N LYS A 459 2.06 27.26 17.42
CA LYS A 459 1.83 28.66 17.84
C LYS A 459 2.80 29.63 17.16
N ASN A 460 4.05 29.18 16.99
CA ASN A 460 5.10 29.97 16.33
C ASN A 460 4.78 30.36 14.89
N ARG A 461 4.31 29.39 14.11
CA ARG A 461 4.00 29.59 12.68
C ARG A 461 2.53 29.94 12.40
N GLY A 462 1.76 30.25 13.44
CA GLY A 462 0.36 30.65 13.32
C GLY A 462 -0.50 29.55 12.72
N LEU A 463 -0.33 28.33 13.23
CA LEU A 463 -1.05 27.17 12.73
C LEU A 463 -1.83 26.48 13.84
N HIS A 464 -2.98 25.92 13.46
CA HIS A 464 -3.84 25.16 14.37
C HIS A 464 -2.95 24.00 14.86
N SER A 465 -2.69 23.91 16.16
CA SER A 465 -1.81 22.86 16.68
C SER A 465 -2.39 21.45 16.50
N SER A 466 -3.71 21.35 16.44
CA SER A 466 -4.37 20.09 16.07
C SER A 466 -3.88 19.57 14.71
N TRP A 467 -3.63 20.48 13.78
CA TRP A 467 -3.25 20.13 12.42
C TRP A 467 -1.84 19.57 12.30
N ILE A 468 -0.88 20.17 12.99
CA ILE A 468 0.50 19.69 12.94
C ILE A 468 0.66 18.29 13.56
N PHE A 469 -0.16 17.97 14.58
CA PHE A 469 -0.30 16.60 15.08
C PHE A 469 -0.80 15.64 14.00
N ALA A 470 -1.84 16.07 13.29
CA ALA A 470 -2.45 15.26 12.23
C ALA A 470 -1.47 14.93 11.11
N ILE A 471 -0.69 15.93 10.69
CA ILE A 471 0.32 15.75 9.64
C ILE A 471 1.36 14.75 10.10
N THR A 472 1.92 15.00 11.28
CA THR A 472 2.87 14.10 11.91
C THR A 472 2.31 12.68 12.03
N ARG A 473 1.16 12.54 12.68
CA ARG A 473 0.47 11.24 12.84
C ARG A 473 0.28 10.48 11.53
N GLN A 474 -0.08 11.20 10.47
CA GLN A 474 -0.29 10.61 9.15
C GLN A 474 1.01 10.32 8.42
N GLN A 475 2.02 11.18 8.58
CA GLN A 475 3.28 11.01 7.87
C GLN A 475 4.09 9.83 8.38
N SER A 476 4.11 9.62 9.69
CA SER A 476 4.91 8.56 10.32
C SER A 476 4.17 7.57 11.23
N ALA A 477 3.11 8.05 11.90
CA ALA A 477 2.46 7.37 13.05
C ALA A 477 3.33 7.42 14.32
N PHE A 478 4.02 8.55 14.51
CA PHE A 478 4.93 8.79 15.66
C PHE A 478 6.06 7.77 15.79
N MET A 479 6.63 7.40 14.65
CA MET A 479 7.89 6.66 14.58
C MET A 479 8.97 7.72 14.34
N SER A 480 9.74 8.04 15.39
CA SER A 480 10.60 9.23 15.43
C SER A 480 11.79 9.23 14.47
N ASP A 481 12.29 8.03 14.14
CA ASP A 481 13.35 7.87 13.11
C ASP A 481 12.89 6.97 11.94
N ALA A 482 11.72 7.30 11.41
CA ALA A 482 11.18 6.64 10.22
C ALA A 482 12.00 7.05 8.99
N ARG A 483 12.10 6.13 8.04
CA ARG A 483 12.77 6.35 6.76
C ARG A 483 12.02 5.59 5.67
N SER A 484 12.16 6.04 4.43
CA SER A 484 11.49 5.42 3.28
C SER A 484 12.43 5.25 2.09
N GLY A 485 12.00 4.43 1.14
CA GLY A 485 12.76 4.19 -0.10
C GLY A 485 12.90 5.41 -1.01
N VAL A 486 11.94 6.34 -0.89
CA VAL A 486 12.01 7.64 -1.60
C VAL A 486 13.07 8.55 -0.96
N GLY A 487 13.21 8.49 0.37
CA GLY A 487 14.23 9.24 1.13
C GLY A 487 13.74 10.29 2.12
N ALA A 488 12.42 10.32 2.37
CA ALA A 488 11.83 11.18 3.41
C ALA A 488 12.12 10.62 4.81
N THR A 489 12.64 11.47 5.70
CA THR A 489 13.14 11.07 7.03
C THR A 489 12.41 11.79 8.18
N GLY A 490 12.16 11.06 9.26
CA GLY A 490 11.74 11.64 10.55
C GLY A 490 10.27 11.54 10.89
N LEU A 491 9.88 12.21 11.98
CA LEU A 491 8.48 12.32 12.43
C LEU A 491 7.51 12.86 11.37
N MET A 492 7.93 13.91 10.65
CA MET A 492 7.11 14.56 9.62
C MET A 492 7.50 14.19 8.18
N GLN A 493 8.23 13.08 8.00
CA GLN A 493 8.77 12.64 6.70
C GLN A 493 9.24 13.79 5.82
N LEU A 494 10.28 14.48 6.29
CA LEU A 494 10.88 15.59 5.55
C LEU A 494 11.90 15.06 4.55
N MET A 495 11.66 15.32 3.26
CA MET A 495 12.65 15.03 2.21
C MET A 495 13.94 15.83 2.47
N PRO A 496 15.12 15.26 2.13
CA PRO A 496 16.39 15.84 2.60
C PRO A 496 16.64 17.29 2.13
N GLY A 497 16.37 17.55 0.85
CA GLY A 497 16.50 18.88 0.25
C GLY A 497 15.30 19.79 0.39
N THR A 498 14.13 19.21 0.67
CA THR A 498 12.94 19.97 1.14
C THR A 498 13.24 20.62 2.49
N ALA A 499 13.97 19.90 3.34
CA ALA A 499 14.35 20.39 4.68
C ALA A 499 15.49 21.42 4.69
N LYS A 500 16.16 21.65 3.55
CA LYS A 500 17.20 22.69 3.42
C LYS A 500 16.77 23.92 2.61
N GLU A 501 15.87 23.75 1.65
CA GLU A 501 15.18 24.90 1.02
C GLU A 501 14.39 25.68 2.07
N THR A 502 13.79 24.94 3.01
CA THR A 502 13.09 25.49 4.17
C THR A 502 14.06 26.09 5.22
N SER A 503 15.21 25.44 5.43
CA SER A 503 16.22 25.93 6.39
C SER A 503 16.77 27.31 6.05
N ARG A 504 17.00 27.57 4.76
CA ARG A 504 17.43 28.90 4.27
C ARG A 504 16.34 29.98 4.49
N LYS A 505 15.14 29.72 3.95
CA LYS A 505 13.98 30.64 4.00
C LYS A 505 13.66 31.20 5.38
N PHE A 506 13.69 30.35 6.39
CA PHE A 506 13.36 30.72 7.76
C PHE A 506 14.59 31.05 8.62
N GLY A 507 15.78 30.63 8.21
CA GLY A 507 17.02 30.85 8.98
C GLY A 507 17.05 29.95 10.20
N ILE A 508 17.07 28.64 9.95
CA ILE A 508 16.97 27.63 11.00
C ILE A 508 18.25 26.77 11.02
N PRO A 509 18.84 26.56 12.23
CA PRO A 509 19.89 25.56 12.41
C PRO A 509 19.60 24.16 11.85
N LEU A 510 20.30 23.82 10.76
CA LEU A 510 20.35 22.45 10.25
C LEU A 510 21.80 22.06 9.91
N ALA A 511 22.50 21.56 10.92
CA ALA A 511 23.92 21.15 10.78
C ALA A 511 24.11 19.67 10.39
N SER A 512 23.03 18.95 10.05
CA SER A 512 23.10 17.56 9.54
C SER A 512 21.73 16.96 9.22
N THR A 513 21.70 16.03 8.26
CA THR A 513 20.50 15.23 7.93
C THR A 513 20.25 14.12 8.97
N GLN A 514 21.26 13.76 9.76
CA GLN A 514 21.10 12.84 10.91
C GLN A 514 20.47 13.52 12.15
N GLN A 515 20.24 14.83 12.09
CA GLN A 515 19.44 15.54 13.10
C GLN A 515 17.96 15.76 12.69
N LEU A 516 17.59 15.33 11.48
CA LEU A 516 16.17 15.24 11.06
C LEU A 516 15.40 14.07 11.70
N ILE A 517 16.08 13.19 12.43
CA ILE A 517 15.40 12.19 13.28
C ILE A 517 15.09 12.74 14.68
N VAL A 518 15.91 13.70 15.16
CA VAL A 518 15.70 14.35 16.46
C VAL A 518 14.34 15.04 16.45
N PRO A 519 13.39 14.59 17.30
CA PRO A 519 12.02 15.15 17.30
C PRO A 519 11.94 16.68 17.32
N ASP A 520 12.82 17.33 18.08
CA ASP A 520 12.77 18.78 18.26
C ASP A 520 13.12 19.55 16.98
N VAL A 521 14.19 19.14 16.30
CA VAL A 521 14.63 19.82 15.05
C VAL A 521 13.86 19.34 13.82
N ASN A 522 13.38 18.09 13.81
CA ASN A 522 12.55 17.58 12.70
C ASN A 522 11.21 18.29 12.61
N ILE A 523 10.47 18.30 13.74
CA ILE A 523 9.21 19.03 13.87
C ILE A 523 9.35 20.50 13.46
N ARG A 524 10.42 21.15 13.90
CA ARG A 524 10.60 22.60 13.72
C ARG A 524 10.71 23.05 12.25
N LEU A 525 11.47 22.30 11.46
CA LEU A 525 11.58 22.54 10.01
C LEU A 525 10.30 22.10 9.27
N GLY A 526 9.74 20.97 9.67
CA GLY A 526 8.50 20.46 9.08
C GLY A 526 7.29 21.33 9.36
N ALA A 527 7.30 21.99 10.52
CA ALA A 527 6.31 23.01 10.88
C ALA A 527 6.40 24.23 9.97
N ALA A 528 7.64 24.66 9.72
CA ALA A 528 7.91 25.79 8.84
C ALA A 528 7.54 25.46 7.39
N TYR A 529 7.96 24.30 6.89
CA TYR A 529 7.61 23.86 5.54
C TYR A 529 6.10 23.70 5.35
N LEU A 530 5.43 23.16 6.37
CA LEU A 530 3.98 23.10 6.40
C LEU A 530 3.39 24.49 6.20
N SER A 531 3.94 25.47 6.92
CA SER A 531 3.49 26.86 6.84
C SER A 531 3.74 27.50 5.46
N GLN A 532 4.83 27.12 4.79
CA GLN A 532 5.07 27.53 3.38
C GLN A 532 3.87 27.12 2.53
N VAL A 533 3.56 25.82 2.60
CA VAL A 533 2.50 25.19 1.81
C VAL A 533 1.13 25.75 2.23
N HIS A 534 0.93 25.87 3.53
CA HIS A 534 -0.21 26.56 4.12
C HIS A 534 -0.44 27.93 3.49
N SER A 535 0.56 28.81 3.55
CA SER A 535 0.43 30.16 2.99
C SER A 535 0.39 30.18 1.45
N GLN A 536 0.97 29.15 0.82
CA GLN A 536 0.91 28.96 -0.64
C GLN A 536 -0.54 28.84 -1.13
N PHE A 537 -1.37 28.16 -0.34
CA PHE A 537 -2.80 27.96 -0.66
C PHE A 537 -3.75 28.73 0.28
N ASN A 538 -3.33 29.93 0.69
CA ASN A 538 -4.17 30.84 1.50
C ASN A 538 -4.67 30.27 2.83
N GLY A 539 -3.83 29.48 3.48
CA GLY A 539 -4.17 28.86 4.76
C GLY A 539 -5.31 27.85 4.73
N ASN A 540 -5.42 27.14 3.61
CA ASN A 540 -6.44 26.12 3.39
C ASN A 540 -5.78 24.75 3.62
N ARG A 541 -6.13 24.13 4.74
CA ARG A 541 -5.54 22.85 5.13
C ARG A 541 -5.90 21.71 4.19
N VAL A 542 -7.08 21.79 3.57
CA VAL A 542 -7.51 20.76 2.62
C VAL A 542 -6.52 20.74 1.46
N LEU A 543 -6.29 21.91 0.88
CA LEU A 543 -5.34 22.06 -0.22
C LEU A 543 -3.89 21.85 0.20
N ALA A 544 -3.51 22.41 1.35
CA ALA A 544 -2.15 22.29 1.88
C ALA A 544 -1.78 20.85 2.27
N SER A 545 -2.72 20.12 2.85
CA SER A 545 -2.51 18.71 3.19
C SER A 545 -2.29 17.87 1.93
N ALA A 546 -3.12 18.08 0.92
CA ALA A 546 -2.93 17.45 -0.39
C ALA A 546 -1.55 17.77 -0.97
N ALA A 547 -1.16 19.03 -0.88
CA ALA A 547 0.10 19.53 -1.45
C ALA A 547 1.33 19.00 -0.71
N TYR A 548 1.20 18.84 0.60
CA TYR A 548 2.26 18.22 1.41
C TYR A 548 2.58 16.83 0.85
N ASN A 549 1.53 16.04 0.60
CA ASN A 549 1.67 14.68 0.06
C ASN A 549 2.04 14.67 -1.42
N ALA A 550 1.25 15.36 -2.25
CA ALA A 550 1.32 15.22 -3.71
C ALA A 550 2.20 16.24 -4.44
N GLY A 551 2.72 17.22 -3.71
CA GLY A 551 3.41 18.36 -4.33
C GLY A 551 2.43 19.42 -4.79
N PRO A 552 2.79 20.71 -4.68
CA PRO A 552 1.79 21.75 -4.94
C PRO A 552 1.40 21.92 -6.41
N GLY A 553 2.28 21.57 -7.35
CA GLY A 553 1.99 21.70 -8.77
C GLY A 553 0.86 20.79 -9.22
N ARG A 554 0.80 19.61 -8.60
CA ARG A 554 -0.32 18.67 -8.75
C ARG A 554 -1.65 19.23 -8.27
N VAL A 555 -1.64 19.80 -7.07
CA VAL A 555 -2.83 20.34 -6.44
C VAL A 555 -3.40 21.47 -7.29
N ARG A 556 -2.51 22.23 -7.94
CA ARG A 556 -2.92 23.31 -8.84
CA ARG A 556 -2.94 23.31 -8.83
C ARG A 556 -3.52 22.78 -10.14
N GLN A 557 -2.99 21.65 -10.64
CA GLN A 557 -3.62 20.94 -11.77
C GLN A 557 -5.04 20.50 -11.39
N TRP A 558 -5.20 20.01 -10.16
CA TRP A 558 -6.49 19.57 -9.64
C TRP A 558 -7.47 20.72 -9.33
N LEU A 559 -6.97 21.95 -9.26
CA LEU A 559 -7.81 23.16 -9.15
C LEU A 559 -8.11 23.86 -10.47
N LYS A 560 -7.62 23.36 -11.59
CA LYS A 560 -7.73 24.07 -12.84
C LYS A 560 -9.19 24.21 -13.28
N ASP A 561 -9.54 25.41 -13.74
CA ASP A 561 -10.85 25.74 -14.33
C ASP A 561 -12.06 25.44 -13.42
N THR A 562 -11.88 25.68 -12.13
CA THR A 562 -12.93 25.51 -11.13
C THR A 562 -13.59 26.84 -10.82
N ARG A 563 -14.75 26.76 -10.18
CA ARG A 563 -15.44 27.94 -9.62
CA ARG A 563 -15.45 27.93 -9.64
C ARG A 563 -16.43 27.50 -8.55
N HIS A 564 -16.26 28.05 -7.34
CA HIS A 564 -17.06 27.72 -6.17
C HIS A 564 -17.23 26.21 -5.94
N LEU A 565 -16.13 25.48 -6.09
CA LEU A 565 -16.14 24.03 -5.91
C LEU A 565 -16.15 23.70 -4.42
N ALA A 566 -17.09 22.85 -4.00
CA ALA A 566 -17.23 22.46 -2.60
C ALA A 566 -16.05 21.60 -2.15
N PHE A 567 -15.63 21.77 -0.91
CA PHE A 567 -14.46 21.06 -0.39
C PHE A 567 -14.61 19.54 -0.42
N ASP A 568 -15.80 19.05 -0.08
CA ASP A 568 -16.05 17.59 -0.05
C ASP A 568 -15.93 16.97 -1.45
N VAL A 569 -16.42 17.68 -2.46
CA VAL A 569 -16.37 17.24 -3.86
C VAL A 569 -14.94 17.28 -4.39
N TRP A 570 -14.21 18.34 -4.08
CA TRP A 570 -12.80 18.43 -4.49
C TRP A 570 -12.03 17.22 -4.00
N ILE A 571 -12.13 16.96 -2.70
CA ILE A 571 -11.41 15.86 -2.06
C ILE A 571 -11.74 14.53 -2.73
N GLU A 572 -13.04 14.26 -2.85
CA GLU A 572 -13.53 13.03 -3.46
C GLU A 572 -13.00 12.83 -4.88
N THR A 573 -12.91 13.92 -5.63
CA THR A 573 -12.46 13.90 -7.02
C THR A 573 -10.93 14.08 -7.21
N ILE A 574 -10.14 14.04 -6.13
CA ILE A 574 -8.68 13.96 -6.25
C ILE A 574 -8.38 12.67 -7.02
N PRO A 575 -7.62 12.76 -8.13
CA PRO A 575 -7.30 11.57 -8.93
C PRO A 575 -6.53 10.48 -8.19
N PHE A 576 -5.52 10.86 -7.41
CA PHE A 576 -4.68 9.90 -6.70
C PHE A 576 -5.41 9.34 -5.48
N ASP A 577 -5.55 8.02 -5.44
CA ASP A 577 -6.07 7.33 -4.25
C ASP A 577 -5.21 7.61 -3.02
N GLU A 578 -3.88 7.55 -3.19
CA GLU A 578 -2.93 7.82 -2.09
C GLU A 578 -3.21 9.15 -1.41
N THR A 579 -3.44 10.19 -2.22
CA THR A 579 -3.58 11.56 -1.75
C THR A 579 -4.98 11.85 -1.20
N ARG A 580 -6.03 11.28 -1.79
CA ARG A 580 -7.38 11.47 -1.24
C ARG A 580 -7.44 10.95 0.18
N GLN A 581 -6.87 9.76 0.38
CA GLN A 581 -6.86 9.13 1.70
C GLN A 581 -6.08 9.98 2.69
N TYR A 582 -4.88 10.39 2.27
CA TYR A 582 -4.03 11.31 3.04
C TYR A 582 -4.79 12.53 3.56
N VAL A 583 -5.51 13.21 2.67
CA VAL A 583 -6.23 14.44 3.03
C VAL A 583 -7.37 14.12 4.00
N GLN A 584 -8.14 13.09 3.71
CA GLN A 584 -9.25 12.66 4.57
C GLN A 584 -8.78 12.22 5.96
N ASN A 585 -7.62 11.58 6.04
CA ASN A 585 -7.05 11.19 7.33
C ASN A 585 -6.66 12.42 8.12
N VAL A 586 -5.75 13.22 7.55
CA VAL A 586 -5.25 14.43 8.21
C VAL A 586 -6.41 15.27 8.77
N LEU A 587 -7.42 15.53 7.94
CA LEU A 587 -8.58 16.32 8.38
C LEU A 587 -9.32 15.65 9.54
N SER A 588 -9.55 14.34 9.42
CA SER A 588 -10.16 13.54 10.50
C SER A 588 -9.32 13.53 11.78
N TYR A 589 -8.03 13.26 11.62
CA TYR A 589 -7.07 13.19 12.72
C TYR A 589 -7.01 14.49 13.50
N ALA A 590 -7.06 15.62 12.79
CA ALA A 590 -7.07 16.94 13.42
C ALA A 590 -8.37 17.26 14.16
N VAL A 591 -9.49 16.63 13.76
CA VAL A 591 -10.72 16.71 14.57
C VAL A 591 -10.50 16.00 15.90
N ILE A 592 -9.91 14.79 15.86
CA ILE A 592 -9.59 14.02 17.09
C ILE A 592 -8.64 14.82 17.97
N TYR A 593 -7.50 15.23 17.41
CA TYR A 593 -6.49 15.99 18.16
C TYR A 593 -6.98 17.36 18.67
N GLY A 594 -7.95 17.95 17.97
CA GLY A 594 -8.59 19.16 18.45
C GLY A 594 -9.26 18.95 19.79
N GLN A 595 -9.98 17.83 19.93
CA GLN A 595 -10.63 17.44 21.19
C GLN A 595 -9.59 17.20 22.27
N LYS A 596 -8.62 16.36 21.97
CA LYS A 596 -7.60 15.95 22.93
C LYS A 596 -6.74 17.12 23.43
N LEU A 597 -6.55 18.15 22.58
CA LEU A 597 -5.91 19.41 23.00
C LEU A 597 -6.91 20.47 23.51
N ASN A 598 -8.13 20.05 23.87
CA ASN A 598 -9.21 20.94 24.31
C ASN A 598 -9.24 22.26 23.49
N ALA A 599 -9.29 22.09 22.17
CA ALA A 599 -9.22 23.20 21.20
C ALA A 599 -9.94 22.74 19.93
N PRO A 600 -11.28 22.56 20.00
CA PRO A 600 -12.05 21.88 18.95
C PRO A 600 -11.89 22.43 17.55
N GLN A 601 -11.72 21.51 16.60
CA GLN A 601 -11.46 21.80 15.20
C GLN A 601 -12.59 21.10 14.43
N PRO A 602 -13.47 21.86 13.75
CA PRO A 602 -14.45 21.16 12.90
C PRO A 602 -13.74 20.53 11.71
N ILE A 603 -14.41 19.61 11.01
CA ILE A 603 -13.77 18.88 9.91
C ILE A 603 -13.12 19.85 8.91
N VAL A 604 -13.83 20.94 8.61
CA VAL A 604 -13.28 22.08 7.87
C VAL A 604 -13.68 23.43 8.45
N ASP A 605 -12.76 24.37 8.29
CA ASP A 605 -12.95 25.76 8.66
C ASP A 605 -13.88 26.45 7.67
N TRP A 606 -14.53 27.50 8.15
CA TRP A 606 -15.45 28.31 7.34
C TRP A 606 -14.87 28.75 5.99
N HIS A 607 -13.59 29.08 5.99
CA HIS A 607 -12.92 29.62 4.81
C HIS A 607 -12.39 28.56 3.84
N GLU A 608 -12.49 27.29 4.23
CA GLU A 608 -12.06 26.17 3.40
C GLU A 608 -13.20 25.53 2.63
N ARG A 609 -14.45 25.94 2.91
CA ARG A 609 -15.62 25.18 2.46
C ARG A 609 -15.83 25.20 0.95
N TYR A 610 -15.66 26.36 0.33
CA TYR A 610 -15.64 26.48 -1.12
C TYR A 610 -14.29 27.05 -1.57
N PHE A 611 -13.81 26.60 -2.73
CA PHE A 611 -12.60 27.19 -3.34
C PHE A 611 -12.45 26.91 -4.83
N ASP A 612 -11.55 27.66 -5.46
CA ASP A 612 -11.28 27.57 -6.89
C ASP A 612 -9.99 28.30 -7.29
N ASP A 613 -9.63 28.21 -8.57
CA ASP A 613 -8.55 29.02 -9.16
C ASP A 613 -9.09 30.25 -9.92
N PHE A 614 -10.26 30.74 -9.50
CA PHE A 614 -10.98 31.82 -10.16
C PHE A 614 -11.04 32.99 -9.19
C1 GOL B . -13.98 31.68 -4.32
O1 GOL B . -14.75 31.54 -3.12
C2 GOL B . -12.68 32.48 -4.13
O2 GOL B . -11.80 31.75 -3.25
C3 GOL B . -11.99 32.66 -5.49
O3 GOL B . -10.76 33.41 -5.42
#